data_5VCQ
#
_entry.id   5VCQ
#
_cell.length_a   56.849
_cell.length_b   56.849
_cell.length_c   239.611
_cell.angle_alpha   90.00
_cell.angle_beta   90.00
_cell.angle_gamma   120.00
#
_symmetry.space_group_name_H-M   'P 65'
#
loop_
_entity.id
_entity.type
_entity.pdbx_description
1 polymer Streptavidin
2 non-polymer '2-methylpropyl 5-[(3aS,4S,6aR)-2-oxohexahydro-1H-thieno[3,4-d]imidazol-4-yl]pentanoate'
3 water water
#
_entity_poly.entity_id   1
_entity_poly.type   'polypeptide(L)'
_entity_poly.pdbx_seq_one_letter_code
;MRKIVVAAIAVSLTTVSITASASADPSKDSKAQVSAAEAGITGTWYNQLGSTFIVTAGADGALTGTYESAVGNAESRYVL
TGRYDSAPATDGSGTALGWTVAWKNNYRNAHSATTWSGQYVGGAEARINTQWLLTSGTTEANAWKSTLVGHDTFTKVKPS
AASIDAAKKAGVNNGNPLDAVQQ
;
_entity_poly.pdbx_strand_id   A,B,C,D
#
# COMPACT_ATOMS: atom_id res chain seq x y z
N GLU A 38 6.83 22.13 -13.79
CA GLU A 38 6.53 23.45 -13.23
C GLU A 38 5.39 24.12 -13.99
N ALA A 39 5.65 24.48 -15.23
CA ALA A 39 4.60 25.00 -16.10
C ALA A 39 3.69 23.86 -16.57
N GLY A 40 4.15 22.64 -16.35
CA GLY A 40 3.38 21.45 -16.69
C GLY A 40 2.40 21.06 -15.59
N ILE A 41 2.86 21.09 -14.34
CA ILE A 41 2.04 20.60 -13.23
C ILE A 41 0.89 21.54 -12.91
N THR A 42 1.20 22.83 -12.78
CA THR A 42 0.17 23.82 -12.49
C THR A 42 -1.01 23.67 -13.46
N GLY A 43 -2.22 23.59 -12.92
CA GLY A 43 -3.40 23.45 -13.76
C GLY A 43 -4.60 22.84 -13.05
N THR A 44 -5.66 22.59 -13.81
CA THR A 44 -6.80 21.84 -13.31
C THR A 44 -6.76 20.43 -13.89
N TRP A 45 -6.70 19.44 -13.00
CA TRP A 45 -6.66 18.03 -13.41
C TRP A 45 -7.94 17.31 -12.97
N TYR A 46 -8.26 16.20 -13.64
CA TYR A 46 -9.36 15.32 -13.22
C TYR A 46 -8.92 13.86 -13.16
N ASN A 47 -9.43 13.12 -12.18
CA ASN A 47 -9.13 11.68 -12.16
C ASN A 47 -10.30 10.84 -12.67
N GLN A 48 -10.10 9.53 -12.67
CA GLN A 48 -11.06 8.62 -13.27
C GLN A 48 -12.38 8.60 -12.48
N LEU A 49 -12.40 9.20 -11.29
CA LEU A 49 -13.64 9.24 -10.53
C LEU A 49 -14.42 10.53 -10.83
N GLY A 50 -13.80 11.43 -11.58
CA GLY A 50 -14.41 12.74 -11.84
C GLY A 50 -14.12 13.76 -10.76
N SER A 51 -13.10 13.48 -9.95
CA SER A 51 -12.67 14.43 -8.94
C SER A 51 -11.82 15.52 -9.59
N THR A 52 -11.77 16.70 -8.96
CA THR A 52 -11.09 17.88 -9.50
C THR A 52 -9.93 18.32 -8.62
N PHE A 53 -8.74 18.34 -9.19
CA PHE A 53 -7.48 18.64 -8.53
C PHE A 53 -6.93 19.95 -9.12
N ILE A 54 -7.11 21.04 -8.38
CA ILE A 54 -6.63 22.35 -8.83
C ILE A 54 -5.35 22.71 -8.12
N VAL A 55 -4.24 22.75 -8.84
CA VAL A 55 -2.96 22.86 -8.19
C VAL A 55 -2.07 23.94 -8.79
N THR A 56 -1.25 24.53 -7.92
CA THR A 56 -0.22 25.49 -8.32
C THR A 56 1.12 24.97 -7.84
N ALA A 57 2.06 24.86 -8.76
CA ALA A 57 3.44 24.47 -8.43
C ALA A 57 4.36 25.68 -8.32
N GLY A 58 4.92 25.90 -7.14
CA GLY A 58 5.86 26.99 -6.94
C GLY A 58 7.24 26.66 -7.48
N ALA A 59 8.04 27.69 -7.71
CA ALA A 59 9.38 27.49 -8.28
C ALA A 59 10.24 26.75 -7.28
N ASP A 60 9.81 26.76 -6.02
CA ASP A 60 10.58 26.21 -4.93
C ASP A 60 10.28 24.73 -4.65
N GLY A 61 9.18 24.23 -5.21
CA GLY A 61 8.81 22.84 -4.95
C GLY A 61 7.52 22.69 -4.18
N ALA A 62 6.86 23.81 -3.87
CA ALA A 62 5.59 23.72 -3.13
C ALA A 62 4.42 23.43 -4.07
N LEU A 63 3.46 22.66 -3.59
CA LEU A 63 2.19 22.51 -4.29
C LEU A 63 1.10 23.07 -3.40
N THR A 64 0.23 23.89 -3.97
CA THR A 64 -0.88 24.48 -3.23
C THR A 64 -2.13 24.42 -4.10
N GLY A 65 -3.29 24.47 -3.48
CA GLY A 65 -4.53 24.47 -4.24
C GLY A 65 -5.70 23.81 -3.55
N THR A 66 -6.65 23.33 -4.34
CA THR A 66 -7.84 22.69 -3.77
C THR A 66 -8.15 21.38 -4.45
N TYR A 67 -8.85 20.52 -3.71
CA TYR A 67 -9.27 19.22 -4.21
C TYR A 67 -10.75 19.06 -3.97
N GLU A 68 -11.47 18.66 -5.01
CA GLU A 68 -12.88 18.35 -4.87
C GLU A 68 -13.11 16.91 -5.27
N SER A 69 -13.51 16.07 -4.32
CA SER A 69 -13.76 14.66 -4.61
C SER A 69 -15.19 14.40 -5.07
N ALA A 70 -15.31 13.59 -6.12
CA ALA A 70 -16.62 13.24 -6.67
C ALA A 70 -17.27 12.08 -5.93
N VAL A 71 -16.54 11.47 -4.99
CA VAL A 71 -17.07 10.35 -4.23
C VAL A 71 -16.74 10.49 -2.76
N GLY A 72 -17.46 9.74 -1.93
CA GLY A 72 -17.18 9.67 -0.50
C GLY A 72 -17.83 10.74 0.34
N ASN A 73 -17.41 10.80 1.59
CA ASN A 73 -17.93 11.79 2.52
C ASN A 73 -17.19 13.11 2.32
N ALA A 74 -17.56 13.81 1.25
CA ALA A 74 -16.86 14.99 0.76
C ALA A 74 -17.82 15.85 -0.06
N GLU A 75 -17.74 17.16 0.11
CA GLU A 75 -18.47 18.03 -0.80
C GLU A 75 -17.78 19.38 -0.83
N SER A 76 -17.78 19.98 -2.02
CA SER A 76 -17.13 21.25 -2.29
C SER A 76 -15.60 21.08 -2.28
N ARG A 77 -14.88 22.17 -2.10
CA ARG A 77 -13.43 22.12 -2.21
C ARG A 77 -12.74 21.99 -0.85
N TYR A 78 -11.60 21.33 -0.86
CA TYR A 78 -10.77 21.12 0.33
C TYR A 78 -9.38 21.61 0.03
N VAL A 79 -8.71 22.13 1.06
CA VAL A 79 -7.35 22.64 0.89
C VAL A 79 -6.36 21.50 0.74
N LEU A 80 -5.44 21.63 -0.20
CA LEU A 80 -4.35 20.68 -0.28
C LEU A 80 -3.02 21.41 -0.16
N THR A 81 -1.99 20.67 0.24
CA THR A 81 -0.65 21.16 0.19
C THR A 81 0.25 19.98 -0.13
N GLY A 82 1.38 20.25 -0.78
CA GLY A 82 2.25 19.17 -1.19
C GLY A 82 3.61 19.66 -1.66
N ARG A 83 4.41 18.73 -2.17
CA ARG A 83 5.73 19.03 -2.69
C ARG A 83 5.95 18.27 -3.99
N TYR A 84 6.85 18.80 -4.82
CA TYR A 84 7.27 18.11 -6.03
C TYR A 84 8.76 18.35 -6.29
N ASP A 85 9.39 17.46 -7.05
CA ASP A 85 10.78 17.62 -7.45
C ASP A 85 10.90 18.77 -8.46
N SER A 86 11.47 19.89 -8.02
CA SER A 86 11.56 21.07 -8.85
C SER A 86 12.81 21.08 -9.75
N ALA A 87 13.66 20.07 -9.61
CA ALA A 87 14.76 19.88 -10.56
C ALA A 87 14.84 18.43 -11.01
N PRO A 88 13.88 18.00 -11.85
CA PRO A 88 13.75 16.60 -12.22
C PRO A 88 14.90 16.12 -13.11
N ALA A 89 15.09 14.80 -13.18
CA ALA A 89 16.15 14.23 -14.02
C ALA A 89 15.84 14.46 -15.49
N THR A 90 16.84 14.25 -16.34
CA THR A 90 16.67 14.49 -17.77
C THR A 90 16.78 13.20 -18.58
N ASP A 91 16.58 12.07 -17.92
CA ASP A 91 16.65 10.76 -18.58
C ASP A 91 15.31 10.31 -19.12
N GLY A 92 14.32 11.18 -19.06
CA GLY A 92 12.98 10.82 -19.48
C GLY A 92 12.09 10.34 -18.35
N SER A 93 12.62 10.34 -17.12
CA SER A 93 11.84 9.93 -15.94
C SER A 93 10.75 10.94 -15.61
N GLY A 94 9.67 10.48 -14.98
CA GLY A 94 8.62 11.38 -14.53
C GLY A 94 9.09 12.30 -13.40
N THR A 95 8.25 13.25 -13.04
CA THR A 95 8.52 14.18 -11.94
C THR A 95 7.80 13.75 -10.68
N ALA A 96 8.56 13.34 -9.67
CA ALA A 96 7.99 12.89 -8.41
C ALA A 96 7.25 14.01 -7.68
N LEU A 97 6.11 13.66 -7.09
CA LEU A 97 5.33 14.62 -6.33
C LEU A 97 4.38 13.91 -5.36
N GLY A 98 3.76 14.69 -4.48
CA GLY A 98 2.81 14.17 -3.51
C GLY A 98 2.01 15.31 -2.92
N TRP A 99 0.84 15.00 -2.37
CA TRP A 99 0.07 16.02 -1.66
C TRP A 99 -0.91 15.37 -0.71
N THR A 100 -1.46 16.21 0.17
CA THR A 100 -2.34 15.77 1.25
C THR A 100 -3.61 16.57 1.23
N VAL A 101 -4.75 15.90 1.40
CA VAL A 101 -5.99 16.57 1.76
C VAL A 101 -6.47 16.03 3.10
N ALA A 102 -6.74 16.93 4.04
CA ALA A 102 -7.48 16.58 5.27
C ALA A 102 -8.94 16.90 5.01
N TRP A 103 -9.82 15.92 5.18
CA TRP A 103 -11.18 16.03 4.67
C TRP A 103 -12.10 16.83 5.59
N LYS A 104 -11.64 18.00 5.99
CA LYS A 104 -12.42 18.94 6.79
C LYS A 104 -12.53 20.28 6.05
N ASN A 105 -13.76 20.72 5.79
CA ASN A 105 -14.02 22.09 5.35
C ASN A 105 -15.29 22.63 6.02
N ASN A 106 -15.89 23.67 5.44
CA ASN A 106 -17.05 24.29 6.06
C ASN A 106 -18.28 23.42 5.93
N TYR A 107 -18.26 22.49 4.99
CA TYR A 107 -19.43 21.69 4.69
C TYR A 107 -19.48 20.40 5.48
N ARG A 108 -18.36 19.70 5.57
CA ARG A 108 -18.31 18.40 6.24
C ARG A 108 -16.97 18.14 6.90
N ASN A 109 -16.96 17.17 7.80
CA ASN A 109 -15.69 16.68 8.33
C ASN A 109 -15.74 15.16 8.41
N ALA A 110 -14.95 14.49 7.57
CA ALA A 110 -14.90 13.03 7.55
C ALA A 110 -13.83 12.45 8.47
N HIS A 111 -13.14 13.33 9.21
CA HIS A 111 -12.11 12.92 10.16
C HIS A 111 -11.14 11.94 9.49
N SER A 112 -10.58 12.38 8.37
CA SER A 112 -9.78 11.53 7.49
C SER A 112 -8.83 12.40 6.71
N ALA A 113 -7.73 11.80 6.24
CA ALA A 113 -6.79 12.49 5.37
C ALA A 113 -6.30 11.53 4.30
N THR A 114 -6.22 12.02 3.07
CA THR A 114 -5.65 11.26 1.97
C THR A 114 -4.32 11.85 1.56
N THR A 115 -3.32 11.00 1.32
CA THR A 115 -2.12 11.45 0.62
C THR A 115 -2.02 10.75 -0.71
N TRP A 116 -1.78 11.53 -1.77
CA TRP A 116 -1.42 10.97 -3.07
C TRP A 116 0.08 11.05 -3.29
N SER A 117 0.68 9.95 -3.67
CA SER A 117 2.09 9.90 -4.01
C SER A 117 2.22 9.45 -5.47
N GLY A 118 3.02 10.15 -6.28
CA GLY A 118 3.12 9.73 -7.66
C GLY A 118 4.13 10.48 -8.49
N GLN A 119 3.91 10.47 -9.80
CA GLN A 119 4.76 11.25 -10.69
C GLN A 119 3.97 11.89 -11.81
N TYR A 120 4.42 13.08 -12.19
CA TYR A 120 3.90 13.79 -13.34
C TYR A 120 4.64 13.32 -14.61
N VAL A 121 3.89 12.95 -15.62
CA VAL A 121 4.47 12.51 -16.89
C VAL A 121 4.07 13.52 -17.96
N GLY A 122 5.03 14.28 -18.44
CA GLY A 122 4.76 15.41 -19.31
C GLY A 122 4.52 15.06 -20.77
N GLY A 123 4.18 16.06 -21.56
CA GLY A 123 3.93 15.86 -22.99
C GLY A 123 2.62 16.51 -23.40
N ALA A 124 2.10 16.12 -24.56
CA ALA A 124 0.75 16.50 -24.94
C ALA A 124 -0.21 15.60 -24.19
N GLU A 125 0.24 14.38 -23.94
CA GLU A 125 -0.52 13.35 -23.24
C GLU A 125 -0.23 13.40 -21.73
N ALA A 126 -0.19 14.61 -21.18
CA ALA A 126 0.20 14.82 -19.79
C ALA A 126 -0.68 14.08 -18.79
N ARG A 127 -0.04 13.43 -17.83
CA ARG A 127 -0.79 12.73 -16.78
C ARG A 127 -0.02 12.77 -15.47
N ILE A 128 -0.75 12.62 -14.36
CA ILE A 128 -0.12 12.39 -13.08
C ILE A 128 -0.64 11.03 -12.62
N ASN A 129 0.25 10.06 -12.54
CA ASN A 129 -0.10 8.73 -12.03
C ASN A 129 0.16 8.66 -10.53
N THR A 130 -0.82 8.21 -9.77
CA THR A 130 -0.65 8.19 -8.32
C THR A 130 -1.16 6.93 -7.67
N GLN A 131 -0.61 6.65 -6.49
CA GLN A 131 -1.29 5.78 -5.56
C GLN A 131 -1.57 6.59 -4.30
N TRP A 132 -2.57 6.18 -3.52
CA TRP A 132 -2.93 6.99 -2.38
C TRP A 132 -3.23 6.15 -1.14
N LEU A 133 -3.09 6.82 -0.01
CA LEU A 133 -3.42 6.26 1.31
C LEU A 133 -4.42 7.16 1.96
N LEU A 134 -5.58 6.60 2.30
N LEU A 134 -5.57 6.59 2.31
CA LEU A 134 -6.62 7.33 3.00
CA LEU A 134 -6.61 7.33 3.00
C LEU A 134 -6.76 6.84 4.43
C LEU A 134 -6.72 6.82 4.43
N THR A 135 -6.32 7.65 5.40
CA THR A 135 -6.40 7.25 6.80
C THR A 135 -7.51 8.00 7.51
N SER A 136 -8.35 7.25 8.22
CA SER A 136 -9.38 7.84 9.10
C SER A 136 -8.92 7.79 10.54
N GLY A 137 -9.22 8.82 11.32
CA GLY A 137 -8.98 8.75 12.75
C GLY A 137 -9.83 7.63 13.31
N THR A 138 -9.22 6.74 14.09
CA THR A 138 -9.94 5.63 14.71
C THR A 138 -9.57 5.52 16.18
N THR A 139 -10.37 4.76 16.92
CA THR A 139 -9.97 4.31 18.26
C THR A 139 -8.89 3.24 18.10
N GLU A 140 -8.19 2.93 19.19
CA GLU A 140 -7.16 1.90 19.15
C GLU A 140 -7.73 0.55 18.68
N ALA A 141 -8.95 0.25 19.09
CA ALA A 141 -9.62 -0.99 18.69
C ALA A 141 -9.81 -1.11 17.18
N ASN A 142 -9.89 0.02 16.49
CA ASN A 142 -10.17 0.00 15.07
C ASN A 142 -8.97 0.40 14.21
N ALA A 143 -7.81 0.56 14.83
CA ALA A 143 -6.64 1.10 14.14
C ALA A 143 -6.19 0.22 12.99
N TRP A 144 -6.32 -1.09 13.17
CA TRP A 144 -5.95 -2.03 12.12
C TRP A 144 -6.72 -1.77 10.83
N LYS A 145 -7.91 -1.18 10.92
CA LYS A 145 -8.66 -0.91 9.70
C LYS A 145 -8.77 0.60 9.40
N SER A 146 -7.75 1.36 9.75
CA SER A 146 -7.79 2.82 9.60
C SER A 146 -7.50 3.33 8.19
N THR A 147 -6.87 2.50 7.36
CA THR A 147 -6.27 3.01 6.13
C THR A 147 -6.68 2.28 4.86
N LEU A 148 -7.29 3.02 3.95
CA LEU A 148 -7.58 2.52 2.60
C LEU A 148 -6.43 2.83 1.66
N VAL A 149 -6.22 1.98 0.67
CA VAL A 149 -5.23 2.24 -0.37
C VAL A 149 -5.87 2.16 -1.75
N GLY A 150 -5.41 3.01 -2.65
CA GLY A 150 -5.93 3.01 -4.00
C GLY A 150 -5.00 3.69 -4.97
N HIS A 151 -5.50 3.93 -6.18
CA HIS A 151 -4.71 4.54 -7.22
C HIS A 151 -5.60 5.43 -8.07
N ASP A 152 -5.14 6.66 -8.32
CA ASP A 152 -5.83 7.59 -9.20
C ASP A 152 -4.95 7.96 -10.37
N THR A 153 -5.55 8.14 -11.54
CA THR A 153 -4.82 8.72 -12.66
C THR A 153 -5.43 10.06 -13.01
N PHE A 154 -4.63 11.12 -13.07
CA PHE A 154 -5.14 12.45 -13.39
C PHE A 154 -4.74 12.88 -14.80
N THR A 155 -5.68 13.49 -15.52
CA THR A 155 -5.47 14.06 -16.86
C THR A 155 -6.16 15.43 -16.93
N LYS A 156 -5.91 16.21 -17.99
CA LYS A 156 -6.42 17.58 -18.01
C LYS A 156 -7.71 17.84 -18.79
N VAL A 157 -8.03 19.13 -18.90
CA VAL A 157 -9.04 19.69 -19.80
C VAL A 157 -8.47 20.87 -20.62
N LYS A 158 -8.46 20.80 -21.95
CA LYS A 158 -8.61 19.59 -22.76
C LYS A 158 -9.98 18.90 -22.69
N GLY B 40 -0.24 19.56 20.84
CA GLY B 40 -0.41 18.14 20.54
C GLY B 40 0.55 17.64 19.48
N ILE B 41 0.29 18.01 18.24
CA ILE B 41 1.12 17.53 17.13
C ILE B 41 2.41 18.31 17.02
N THR B 42 2.33 19.62 17.24
CA THR B 42 3.50 20.49 17.12
C THR B 42 4.63 20.01 18.01
N GLY B 43 5.84 19.92 17.46
CA GLY B 43 6.98 19.40 18.20
C GLY B 43 7.97 18.65 17.33
N THR B 44 8.86 17.91 17.97
CA THR B 44 9.83 17.08 17.25
C THR B 44 9.57 15.61 17.53
N TRP B 45 9.44 14.84 16.45
CA TRP B 45 9.14 13.42 16.57
C TRP B 45 10.26 12.55 15.96
N TYR B 46 10.35 11.31 16.38
CA TYR B 46 11.31 10.37 15.80
C TYR B 46 10.63 9.06 15.46
N ASN B 47 11.04 8.43 14.37
CA ASN B 47 10.45 7.14 14.06
C ASN B 47 11.42 6.01 14.40
N GLN B 48 11.06 4.79 14.03
CA GLN B 48 11.83 3.61 14.43
C GLN B 48 13.16 3.49 13.69
N LEU B 49 13.36 4.37 12.70
CA LEU B 49 14.59 4.40 11.92
C LEU B 49 15.56 5.46 12.45
N GLY B 50 15.07 6.37 13.30
CA GLY B 50 15.88 7.45 13.83
C GLY B 50 15.76 8.72 13.02
N SER B 51 14.79 8.74 12.11
CA SER B 51 14.53 9.93 11.32
C SER B 51 13.90 11.00 12.18
N THR B 52 14.07 12.26 11.78
CA THR B 52 13.59 13.37 12.59
C THR B 52 12.53 14.23 11.91
N PHE B 53 11.38 14.32 12.58
CA PHE B 53 10.19 14.96 12.06
C PHE B 53 9.89 16.19 12.91
N ILE B 54 10.21 17.36 12.37
CA ILE B 54 9.97 18.63 13.05
C ILE B 54 8.79 19.34 12.41
N VAL B 55 7.72 19.56 13.18
CA VAL B 55 6.48 20.00 12.58
C VAL B 55 5.75 21.07 13.42
N THR B 56 5.14 22.02 12.73
CA THR B 56 4.25 22.96 13.37
C THR B 56 2.85 22.71 12.83
N ALA B 57 1.90 22.45 13.72
CA ALA B 57 0.53 22.30 13.30
C ALA B 57 -0.23 23.61 13.50
N GLY B 58 -0.61 24.24 12.39
CA GLY B 58 -1.38 25.49 12.42
C GLY B 58 -2.80 25.29 12.90
N ALA B 59 -3.46 26.38 13.27
CA ALA B 59 -4.77 26.27 13.95
C ALA B 59 -5.87 25.85 13.00
N ASP B 60 -5.69 26.13 11.71
CA ASP B 60 -6.72 25.81 10.73
C ASP B 60 -6.33 24.61 9.85
N GLY B 61 -5.31 23.86 10.28
CA GLY B 61 -5.07 22.57 9.67
C GLY B 61 -3.79 22.40 8.85
N ALA B 62 -2.93 23.40 8.80
CA ALA B 62 -1.66 23.24 8.09
C ALA B 62 -0.64 22.44 8.89
N LEU B 63 0.18 21.66 8.19
CA LEU B 63 1.41 21.12 8.78
C LEU B 63 2.60 21.72 8.03
N THR B 64 3.57 22.25 8.77
CA THR B 64 4.76 22.86 8.18
C THR B 64 5.97 22.41 8.99
N GLY B 65 7.10 22.22 8.34
CA GLY B 65 8.26 21.71 9.07
C GLY B 65 9.38 21.17 8.22
N THR B 66 10.25 20.38 8.84
CA THR B 66 11.36 19.78 8.12
C THR B 66 11.46 18.30 8.49
N TYR B 67 12.00 17.52 7.57
CA TYR B 67 12.19 16.10 7.77
C TYR B 67 13.64 15.73 7.54
N GLU B 68 14.18 14.89 8.41
CA GLU B 68 15.53 14.36 8.23
C GLU B 68 15.52 12.85 8.29
N SER B 69 15.79 12.18 7.17
CA SER B 69 15.78 10.72 7.14
C SER B 69 17.10 10.15 7.60
N ALA B 70 17.06 9.12 8.44
CA ALA B 70 18.27 8.47 8.89
C ALA B 70 18.74 7.42 7.89
N VAL B 71 17.93 7.16 6.87
CA VAL B 71 18.27 6.14 5.86
C VAL B 71 18.04 6.63 4.42
N GLY B 72 18.59 5.90 3.46
CA GLY B 72 18.34 6.16 2.05
C GLY B 72 19.23 7.20 1.42
N ASN B 73 18.88 7.58 0.19
CA ASN B 73 19.58 8.63 -0.57
C ASN B 73 19.14 10.01 -0.08
N ALA B 74 19.60 10.38 1.12
CA ALA B 74 19.17 11.63 1.72
C ALA B 74 20.17 12.13 2.75
N GLU B 75 20.26 13.45 2.88
CA GLU B 75 21.08 14.01 3.94
C GLU B 75 20.58 15.39 4.34
N SER B 76 20.67 15.63 5.65
CA SER B 76 20.22 16.86 6.28
C SER B 76 18.69 16.96 6.17
N ARG B 77 18.18 18.19 6.20
CA ARG B 77 16.75 18.42 6.32
C ARG B 77 16.10 18.76 5.00
N TYR B 78 14.85 18.33 4.85
CA TYR B 78 14.06 18.58 3.65
C TYR B 78 12.77 19.26 4.05
N VAL B 79 12.30 20.16 3.21
CA VAL B 79 11.04 20.86 3.47
C VAL B 79 9.87 19.87 3.46
N LEU B 80 8.94 20.01 4.41
CA LEU B 80 7.70 19.26 4.37
C LEU B 80 6.50 20.16 4.52
N THR B 81 5.38 19.70 3.99
CA THR B 81 4.09 20.36 4.19
C THR B 81 2.98 19.32 4.14
N GLY B 82 1.95 19.54 4.94
CA GLY B 82 0.85 18.60 5.02
C GLY B 82 -0.40 19.21 5.61
N ARG B 83 -1.36 18.36 5.97
CA ARG B 83 -2.63 18.81 6.51
C ARG B 83 -3.07 17.86 7.61
N TYR B 84 -3.89 18.34 8.55
CA TYR B 84 -4.45 17.48 9.58
C TYR B 84 -5.85 17.94 9.93
N ASP B 85 -6.63 17.04 10.51
CA ASP B 85 -7.99 17.37 10.96
C ASP B 85 -7.90 18.27 12.20
N SER B 86 -8.25 19.54 12.05
CA SER B 86 -8.11 20.49 13.15
C SER B 86 -9.37 20.52 14.03
N ALA B 87 -10.33 19.67 13.72
CA ALA B 87 -11.48 19.49 14.60
C ALA B 87 -11.83 18.02 14.68
N PRO B 88 -10.97 17.22 15.33
CA PRO B 88 -11.17 15.77 15.33
C PRO B 88 -12.41 15.33 16.12
N ALA B 89 -12.76 14.06 15.98
CA ALA B 89 -13.88 13.47 16.70
C ALA B 89 -13.53 13.42 18.20
N THR B 90 -14.56 13.42 19.05
CA THR B 90 -14.34 13.45 20.49
C THR B 90 -14.51 12.07 21.14
N ASP B 91 -14.83 11.08 20.31
CA ASP B 91 -15.12 9.71 20.75
C ASP B 91 -13.88 8.89 21.15
N GLY B 92 -12.74 9.55 21.27
CA GLY B 92 -11.50 8.85 21.53
C GLY B 92 -10.72 8.46 20.28
N SER B 93 -11.24 8.79 19.10
CA SER B 93 -10.53 8.55 17.85
C SER B 93 -9.28 9.40 17.72
N GLY B 94 -8.29 8.89 16.98
CA GLY B 94 -7.10 9.67 16.72
C GLY B 94 -7.39 10.79 15.75
N THR B 95 -6.38 11.62 15.49
CA THR B 95 -6.49 12.76 14.60
C THR B 95 -5.80 12.49 13.27
N ALA B 96 -6.57 12.44 12.19
CA ALA B 96 -6.04 12.07 10.88
C ALA B 96 -5.14 13.17 10.36
N LEU B 97 -4.09 12.78 9.64
CA LEU B 97 -3.13 13.73 9.11
C LEU B 97 -2.32 13.14 7.96
N GLY B 98 -1.58 13.99 7.25
CA GLY B 98 -0.63 13.51 6.27
C GLY B 98 0.36 14.60 5.92
N TRP B 99 1.51 14.21 5.38
CA TRP B 99 2.44 15.19 4.85
C TRP B 99 3.27 14.58 3.74
N THR B 100 3.94 15.48 3.00
CA THR B 100 4.76 15.11 1.85
C THR B 100 6.16 15.69 2.01
N VAL B 101 7.15 14.91 1.63
CA VAL B 101 8.51 15.40 1.43
C VAL B 101 8.95 15.09 0.00
N ALA B 102 9.44 16.10 -0.72
CA ALA B 102 10.16 15.87 -1.97
C ALA B 102 11.64 15.83 -1.67
N TRP B 103 12.32 14.77 -2.10
CA TRP B 103 13.65 14.50 -1.60
C TRP B 103 14.72 15.31 -2.34
N LYS B 104 14.45 16.61 -2.48
CA LYS B 104 15.39 17.59 -3.02
C LYS B 104 15.73 18.65 -1.97
N ASN B 105 16.99 18.78 -1.61
CA ASN B 105 17.44 19.95 -0.84
C ASN B 105 18.73 20.53 -1.43
N ASN B 106 19.46 21.30 -0.64
CA ASN B 106 20.75 21.87 -1.11
C ASN B 106 21.86 20.85 -1.31
N TYR B 107 21.73 19.69 -0.69
CA TYR B 107 22.81 18.71 -0.65
C TYR B 107 22.64 17.59 -1.66
N ARG B 108 21.41 17.13 -1.86
CA ARG B 108 21.12 16.00 -2.74
C ARG B 108 19.73 16.11 -3.37
N ASN B 109 19.51 15.31 -4.41
CA ASN B 109 18.18 15.16 -5.02
C ASN B 109 18.00 13.71 -5.43
N ALA B 110 17.03 13.03 -4.81
CA ALA B 110 16.81 11.63 -5.10
C ALA B 110 15.70 11.45 -6.13
N HIS B 111 15.21 12.56 -6.68
CA HIS B 111 14.12 12.52 -7.67
C HIS B 111 12.98 11.61 -7.20
N SER B 112 12.53 11.84 -5.97
CA SER B 112 11.58 10.97 -5.31
C SER B 112 10.73 11.81 -4.38
N ALA B 113 9.60 11.25 -3.96
CA ALA B 113 8.76 11.93 -3.01
C ALA B 113 8.09 10.90 -2.10
N THR B 114 8.07 11.20 -0.80
CA THR B 114 7.33 10.35 0.13
C THR B 114 6.14 11.09 0.69
N THR B 115 4.97 10.43 0.72
CA THR B 115 3.85 10.91 1.52
C THR B 115 3.58 9.94 2.67
N TRP B 116 3.37 10.51 3.86
CA TRP B 116 2.94 9.76 5.04
C TRP B 116 1.47 10.02 5.31
N SER B 117 0.71 8.95 5.55
CA SER B 117 -0.69 9.06 5.88
C SER B 117 -0.91 8.34 7.22
N GLY B 118 -1.51 9.03 8.18
CA GLY B 118 -1.72 8.40 9.47
C GLY B 118 -2.64 9.17 10.40
N GLN B 119 -2.51 8.89 11.69
CA GLN B 119 -3.27 9.60 12.68
C GLN B 119 -2.42 9.91 13.91
N TYR B 120 -2.67 11.05 14.52
CA TYR B 120 -2.07 11.36 15.79
C TYR B 120 -2.93 10.77 16.89
N VAL B 121 -2.28 10.08 17.82
CA VAL B 121 -2.96 9.53 18.96
C VAL B 121 -2.41 10.27 20.19
N GLY B 122 -3.25 11.09 20.82
CA GLY B 122 -2.78 11.83 21.97
C GLY B 122 -2.73 10.87 23.14
N GLY B 123 -2.05 11.27 24.20
CA GLY B 123 -2.15 10.52 25.43
C GLY B 123 -0.84 10.20 26.12
N ALA B 124 -0.93 9.29 27.09
CA ALA B 124 0.22 8.93 27.90
C ALA B 124 1.29 8.30 27.02
N GLU B 125 0.84 7.61 25.97
CA GLU B 125 1.74 7.01 25.01
C GLU B 125 1.59 7.68 23.65
N ALA B 126 1.73 9.00 23.62
CA ALA B 126 1.45 9.79 22.43
C ALA B 126 2.29 9.33 21.25
N ARG B 127 1.68 9.27 20.07
CA ARG B 127 2.43 8.89 18.88
C ARG B 127 1.71 9.24 17.60
N ILE B 128 2.44 9.20 16.49
CA ILE B 128 1.86 9.36 15.18
C ILE B 128 2.11 8.06 14.42
N ASN B 129 1.03 7.31 14.19
CA ASN B 129 1.10 6.06 13.43
C ASN B 129 0.83 6.33 11.95
N THR B 130 1.77 5.96 11.08
CA THR B 130 1.60 6.23 9.65
C THR B 130 1.92 5.03 8.77
N GLN B 131 1.37 5.07 7.56
CA GLN B 131 1.89 4.29 6.46
C GLN B 131 2.37 5.29 5.42
N TRP B 132 3.33 4.90 4.60
CA TRP B 132 3.84 5.84 3.62
C TRP B 132 4.01 5.22 2.25
N LEU B 133 4.00 6.10 1.25
CA LEU B 133 4.20 5.78 -0.15
C LEU B 133 5.36 6.61 -0.68
N LEU B 134 6.36 5.95 -1.23
CA LEU B 134 7.52 6.63 -1.77
C LEU B 134 7.57 6.37 -3.26
N THR B 135 7.30 7.40 -4.05
CA THR B 135 7.38 7.24 -5.50
C THR B 135 8.66 7.90 -6.00
N SER B 136 9.36 7.20 -6.88
CA SER B 136 10.50 7.76 -7.59
C SER B 136 10.09 8.02 -9.02
N GLY B 137 10.57 9.12 -9.60
CA GLY B 137 10.35 9.34 -11.02
C GLY B 137 10.96 8.19 -11.79
N THR B 138 10.21 7.62 -12.72
CA THR B 138 10.68 6.51 -13.55
C THR B 138 10.32 6.76 -15.02
N THR B 139 10.96 6.01 -15.91
CA THR B 139 10.47 5.95 -17.28
C THR B 139 9.20 5.12 -17.31
N GLU B 140 8.43 5.26 -18.37
CA GLU B 140 7.19 4.52 -18.58
C GLU B 140 7.39 3.00 -18.39
N ALA B 141 8.53 2.49 -18.82
CA ALA B 141 8.79 1.05 -18.78
C ALA B 141 9.02 0.53 -17.36
N ASN B 142 9.43 1.43 -16.47
CA ASN B 142 9.71 1.06 -15.10
C ASN B 142 8.64 1.55 -14.13
N ALA B 143 7.55 2.13 -14.65
CA ALA B 143 6.52 2.70 -13.78
C ALA B 143 5.91 1.67 -12.81
N TRP B 144 5.86 0.42 -13.24
CA TRP B 144 5.30 -0.62 -12.36
C TRP B 144 6.11 -0.74 -11.06
N LYS B 145 7.37 -0.34 -11.06
CA LYS B 145 8.18 -0.46 -9.84
C LYS B 145 8.60 0.91 -9.29
N SER B 146 7.74 1.89 -9.48
CA SER B 146 8.03 3.25 -9.09
C SER B 146 7.78 3.51 -7.61
N THR B 147 6.96 2.68 -6.97
CA THR B 147 6.45 3.06 -5.65
C THR B 147 6.73 2.06 -4.53
N LEU B 148 7.46 2.52 -3.50
CA LEU B 148 7.67 1.75 -2.28
C LEU B 148 6.57 2.02 -1.27
N VAL B 149 6.19 1.01 -0.50
CA VAL B 149 5.21 1.20 0.56
C VAL B 149 5.78 0.78 1.90
N GLY B 150 5.44 1.53 2.94
CA GLY B 150 5.93 1.18 4.27
C GLY B 150 5.12 1.79 5.38
N HIS B 151 5.66 1.70 6.59
CA HIS B 151 4.99 2.21 7.78
C HIS B 151 6.04 2.72 8.77
N ASP B 152 5.80 3.90 9.33
CA ASP B 152 6.65 4.47 10.38
C ASP B 152 5.79 4.80 11.61
N THR B 153 6.31 4.55 12.80
CA THR B 153 5.65 5.04 14.00
C THR B 153 6.53 6.12 14.63
N PHE B 154 5.94 7.27 14.87
CA PHE B 154 6.67 8.39 15.40
C PHE B 154 6.36 8.58 16.89
N THR B 155 7.41 8.72 17.70
CA THR B 155 7.23 8.94 19.12
C THR B 155 8.13 10.09 19.51
N LYS B 156 8.10 10.47 20.78
CA LYS B 156 9.01 11.49 21.26
C LYS B 156 10.33 10.86 21.68
N VAL B 157 10.39 9.54 21.54
CA VAL B 157 11.60 8.73 21.78
C VAL B 157 12.36 8.46 20.47
N LYS B 158 13.68 8.34 20.55
CA LYS B 158 14.48 7.97 19.37
C LYS B 158 15.20 6.62 19.52
N PRO B 159 15.49 5.98 18.39
CA PRO B 159 16.18 4.69 18.49
C PRO B 159 17.61 4.74 17.94
N GLU C 38 12.63 -23.22 6.02
CA GLU C 38 11.61 -24.26 6.11
C GLU C 38 11.17 -24.52 7.56
N ALA C 39 12.00 -25.24 8.32
CA ALA C 39 11.69 -25.51 9.73
C ALA C 39 11.61 -24.21 10.51
N GLY C 40 12.37 -23.23 10.04
CA GLY C 40 12.32 -21.88 10.58
C GLY C 40 10.93 -21.29 10.46
N ILE C 41 10.28 -21.48 9.32
CA ILE C 41 8.97 -20.88 9.10
C ILE C 41 7.84 -21.74 9.66
N THR C 42 7.93 -23.05 9.47
CA THR C 42 6.91 -23.98 9.96
C THR C 42 6.69 -23.83 11.47
N GLY C 43 5.44 -23.63 11.87
CA GLY C 43 5.13 -23.48 13.27
C GLY C 43 3.92 -22.59 13.52
N THR C 44 3.78 -22.13 14.76
CA THR C 44 2.69 -21.24 15.11
C THR C 44 3.24 -19.86 15.44
N TRP C 45 2.67 -18.84 14.80
CA TRP C 45 3.07 -17.46 15.01
C TRP C 45 1.88 -16.63 15.46
N TYR C 46 2.14 -15.49 16.10
CA TYR C 46 1.10 -14.57 16.51
C TYR C 46 1.48 -13.16 16.12
N ASN C 47 0.51 -12.31 15.82
CA ASN C 47 0.88 -10.93 15.50
C ASN C 47 0.53 -9.99 16.65
N GLN C 48 0.70 -8.71 16.42
CA GLN C 48 0.51 -7.72 17.47
C GLN C 48 -0.96 -7.58 17.87
N LEU C 49 -1.86 -8.11 17.05
CA LEU C 49 -3.30 -8.12 17.33
C LEU C 49 -3.71 -9.35 18.14
N GLY C 50 -2.85 -10.35 18.22
CA GLY C 50 -3.18 -11.59 18.89
C GLY C 50 -3.74 -12.64 17.95
N SER C 51 -3.69 -12.37 16.65
CA SER C 51 -4.15 -13.35 15.69
C SER C 51 -3.20 -14.53 15.70
N THR C 52 -3.69 -15.68 15.24
CA THR C 52 -2.88 -16.89 15.24
C THR C 52 -2.67 -17.42 13.84
N PHE C 53 -1.39 -17.55 13.48
CA PHE C 53 -0.96 -17.97 12.15
C PHE C 53 -0.28 -19.33 12.28
N ILE C 54 -0.99 -20.38 11.85
CA ILE C 54 -0.45 -21.74 11.88
C ILE C 54 -0.05 -22.19 10.47
N VAL C 55 1.25 -22.39 10.23
CA VAL C 55 1.73 -22.60 8.88
C VAL C 55 2.69 -23.78 8.73
N THR C 56 2.56 -24.50 7.63
CA THR C 56 3.54 -25.51 7.25
C THR C 56 4.25 -25.05 5.99
N ALA C 57 5.58 -24.95 6.07
CA ALA C 57 6.37 -24.59 4.91
C ALA C 57 6.97 -25.82 4.24
N GLY C 58 6.48 -26.16 3.04
CA GLY C 58 6.98 -27.31 2.30
C GLY C 58 8.35 -27.04 1.70
N ALA C 59 9.07 -28.10 1.32
CA ALA C 59 10.42 -27.94 0.77
C ALA C 59 10.38 -27.44 -0.67
N ASP C 60 9.18 -27.41 -1.23
CA ASP C 60 8.93 -26.96 -2.59
C ASP C 60 8.66 -25.46 -2.67
N GLY C 61 8.26 -24.88 -1.54
CA GLY C 61 7.92 -23.48 -1.50
C GLY C 61 6.47 -23.23 -1.16
N ALA C 62 5.71 -24.28 -0.88
CA ALA C 62 4.31 -24.10 -0.47
C ALA C 62 4.18 -23.62 0.97
N LEU C 63 3.18 -22.79 1.22
CA LEU C 63 2.74 -22.53 2.58
C LEU C 63 1.32 -23.05 2.73
N THR C 64 1.08 -23.84 3.76
CA THR C 64 -0.26 -24.37 4.05
C THR C 64 -0.54 -24.22 5.53
N GLY C 65 -1.80 -24.00 5.89
CA GLY C 65 -2.14 -23.80 7.30
C GLY C 65 -3.49 -23.19 7.56
N THR C 66 -3.64 -22.62 8.74
CA THR C 66 -4.88 -21.95 9.13
C THR C 66 -4.59 -20.61 9.78
N TYR C 67 -5.54 -19.70 9.67
CA TYR C 67 -5.39 -18.38 10.26
C TYR C 67 -6.60 -18.09 11.12
N GLU C 68 -6.36 -17.56 12.32
CA GLU C 68 -7.44 -17.09 13.19
C GLU C 68 -7.24 -15.64 13.54
N SER C 69 -8.11 -14.75 13.07
CA SER C 69 -7.97 -13.34 13.38
C SER C 69 -8.62 -13.01 14.69
N ALA C 70 -7.92 -12.24 15.51
CA ALA C 70 -8.44 -11.83 16.79
C ALA C 70 -9.38 -10.63 16.64
N VAL C 71 -9.46 -10.09 15.43
CA VAL C 71 -10.26 -8.90 15.17
C VAL C 71 -11.12 -9.01 13.90
N GLY C 72 -12.09 -8.10 13.77
CA GLY C 72 -12.90 -7.98 12.57
C GLY C 72 -14.05 -8.96 12.49
N ASN C 73 -14.69 -9.02 11.31
CA ASN C 73 -15.79 -9.94 11.04
C ASN C 73 -15.26 -11.34 10.81
N ALA C 74 -14.80 -11.98 11.89
CA ALA C 74 -14.14 -13.25 11.77
C ALA C 74 -14.25 -14.06 13.05
N GLU C 75 -14.28 -15.38 12.91
CA GLU C 75 -14.23 -16.23 14.08
C GLU C 75 -13.71 -17.62 13.72
N SER C 76 -13.00 -18.21 14.67
CA SER C 76 -12.30 -19.47 14.48
C SER C 76 -11.28 -19.38 13.32
N ARG C 77 -10.99 -20.52 12.72
CA ARG C 77 -9.89 -20.65 11.77
C ARG C 77 -10.34 -20.64 10.31
N TYR C 78 -9.48 -20.08 9.45
CA TYR C 78 -9.72 -20.00 8.00
C TYR C 78 -8.55 -20.63 7.28
N VAL C 79 -8.82 -21.28 6.17
CA VAL C 79 -7.78 -21.92 5.37
C VAL C 79 -6.85 -20.86 4.81
N LEU C 80 -5.55 -21.11 4.85
CA LEU C 80 -4.61 -20.26 4.14
C LEU C 80 -3.73 -21.06 3.23
N THR C 81 -3.22 -20.39 2.21
CA THR C 81 -2.25 -20.97 1.33
C THR C 81 -1.37 -19.86 0.80
N GLY C 82 -0.10 -20.15 0.57
CA GLY C 82 0.83 -19.15 0.10
C GLY C 82 2.09 -19.77 -0.44
N ARG C 83 3.09 -18.92 -0.72
CA ARG C 83 4.34 -19.40 -1.27
C ARG C 83 5.51 -18.70 -0.60
N TYR C 84 6.70 -19.30 -0.62
CA TYR C 84 7.89 -18.67 -0.06
C TYR C 84 9.12 -19.05 -0.85
N ASP C 85 10.16 -18.24 -0.75
CA ASP C 85 11.43 -18.51 -1.40
C ASP C 85 12.14 -19.66 -0.67
N SER C 86 12.17 -20.84 -1.28
CA SER C 86 12.76 -22.02 -0.64
C SER C 86 14.28 -22.12 -0.85
N ALA C 87 14.84 -21.21 -1.64
CA ALA C 87 16.29 -21.08 -1.71
C ALA C 87 16.71 -19.63 -1.55
N PRO C 88 16.64 -19.10 -0.31
CA PRO C 88 16.91 -17.68 -0.16
C PRO C 88 18.39 -17.30 -0.36
N ALA C 89 18.64 -16.00 -0.46
CA ALA C 89 19.99 -15.49 -0.58
C ALA C 89 20.74 -15.78 0.72
N THR C 90 22.07 -15.84 0.64
CA THR C 90 22.88 -16.21 1.80
C THR C 90 23.54 -15.00 2.46
N ASP C 91 23.33 -13.82 1.89
CA ASP C 91 23.96 -12.58 2.35
C ASP C 91 23.42 -12.04 3.68
N GLY C 92 22.63 -12.84 4.38
CA GLY C 92 21.94 -12.39 5.57
C GLY C 92 20.58 -11.76 5.32
N SER C 93 20.11 -11.79 4.07
CA SER C 93 18.77 -11.30 3.74
C SER C 93 17.68 -12.19 4.34
N GLY C 94 16.50 -11.63 4.58
CA GLY C 94 15.38 -12.44 5.02
C GLY C 94 14.81 -13.25 3.86
N THR C 95 13.85 -14.12 4.17
CA THR C 95 13.21 -14.98 3.19
C THR C 95 11.84 -14.46 2.77
N ALA C 96 11.68 -14.13 1.49
CA ALA C 96 10.44 -13.54 1.02
C ALA C 96 9.32 -14.58 1.00
N LEU C 97 8.10 -14.13 1.27
CA LEU C 97 6.96 -15.04 1.32
C LEU C 97 5.64 -14.28 1.25
N GLY C 98 4.55 -15.01 1.07
CA GLY C 98 3.24 -14.39 1.11
C GLY C 98 2.18 -15.45 1.27
N TRP C 99 0.98 -15.04 1.69
CA TRP C 99 -0.12 -15.97 1.76
C TRP C 99 -1.44 -15.23 1.70
N THR C 100 -2.49 -16.00 1.45
CA THR C 100 -3.84 -15.47 1.31
C THR C 100 -4.80 -16.18 2.24
N VAL C 101 -5.74 -15.42 2.79
CA VAL C 101 -6.92 -15.96 3.45
C VAL C 101 -8.17 -15.36 2.81
N ALA C 102 -9.10 -16.21 2.35
CA ALA C 102 -10.44 -15.73 2.03
C ALA C 102 -11.30 -15.89 3.28
N TRP C 103 -12.05 -14.85 3.63
CA TRP C 103 -12.64 -14.83 4.97
C TRP C 103 -14.00 -15.53 4.99
N LYS C 104 -14.03 -16.72 4.39
CA LYS C 104 -15.16 -17.65 4.47
C LYS C 104 -14.76 -18.94 5.18
N ASN C 105 -15.49 -19.33 6.22
CA ASN C 105 -15.41 -20.68 6.77
C ASN C 105 -16.83 -21.20 7.11
N ASN C 106 -16.94 -22.17 8.00
CA ASN C 106 -18.25 -22.71 8.34
C ASN C 106 -19.10 -21.78 9.21
N TYR C 107 -18.44 -20.83 9.88
CA TYR C 107 -19.10 -19.96 10.86
C TYR C 107 -19.53 -18.61 10.29
N ARG C 108 -18.71 -18.02 9.42
CA ARG C 108 -18.96 -16.69 8.91
C ARG C 108 -18.42 -16.52 7.49
N ASN C 109 -18.89 -15.48 6.83
CA ASN C 109 -18.33 -15.09 5.53
C ASN C 109 -18.34 -13.57 5.39
N ALA C 110 -17.16 -12.97 5.42
CA ALA C 110 -17.03 -11.52 5.36
C ALA C 110 -16.86 -11.02 3.93
N HIS C 111 -17.04 -11.91 2.96
CA HIS C 111 -16.92 -11.59 1.54
C HIS C 111 -15.68 -10.73 1.26
N SER C 112 -14.53 -11.18 1.75
CA SER C 112 -13.30 -10.42 1.56
C SER C 112 -12.12 -11.36 1.67
N ALA C 113 -10.95 -10.86 1.26
CA ALA C 113 -9.74 -11.65 1.31
C ALA C 113 -8.55 -10.80 1.70
N THR C 114 -7.69 -11.35 2.54
CA THR C 114 -6.45 -10.67 2.86
C THR C 114 -5.25 -11.40 2.29
N THR C 115 -4.32 -10.65 1.69
CA THR C 115 -3.00 -11.18 1.38
C THR C 115 -1.94 -10.48 2.23
N TRP C 116 -1.04 -11.28 2.81
CA TRP C 116 0.13 -10.80 3.54
C TRP C 116 1.37 -10.99 2.67
N SER C 117 2.18 -9.94 2.53
CA SER C 117 3.40 -10.03 1.77
C SER C 117 4.55 -9.58 2.69
N GLY C 118 5.57 -10.40 2.82
CA GLY C 118 6.63 -10.04 3.74
C GLY C 118 7.87 -10.90 3.63
N GLN C 119 8.63 -10.91 4.71
CA GLN C 119 9.81 -11.73 4.77
C GLN C 119 9.99 -12.34 6.14
N TYR C 120 10.47 -13.58 6.14
CA TYR C 120 10.88 -14.24 7.35
C TYR C 120 12.30 -13.84 7.65
N VAL C 121 12.53 -13.41 8.88
CA VAL C 121 13.85 -13.05 9.35
C VAL C 121 14.20 -14.00 10.48
N GLY C 122 15.05 -14.98 10.18
CA GLY C 122 15.42 -15.97 11.18
C GLY C 122 16.35 -15.35 12.21
N GLY C 123 16.58 -16.06 13.31
CA GLY C 123 17.60 -15.66 14.24
C GLY C 123 17.16 -15.57 15.68
N ALA C 124 17.97 -14.85 16.46
CA ALA C 124 17.77 -14.69 17.89
C ALA C 124 16.33 -14.30 18.19
N GLU C 125 15.85 -13.26 17.51
CA GLU C 125 14.44 -12.90 17.62
C GLU C 125 13.77 -13.04 16.27
N ALA C 126 13.44 -14.28 15.92
CA ALA C 126 12.85 -14.59 14.64
C ALA C 126 11.51 -13.88 14.48
N ARG C 127 11.17 -13.51 13.25
CA ARG C 127 9.92 -12.83 13.00
C ARG C 127 9.52 -12.94 11.54
N ILE C 128 8.22 -12.74 11.26
CA ILE C 128 7.76 -12.55 9.91
C ILE C 128 7.17 -11.13 9.83
N ASN C 129 7.88 -10.26 9.13
CA ASN C 129 7.43 -8.88 8.94
C ASN C 129 6.62 -8.78 7.66
N THR C 130 5.37 -8.35 7.76
CA THR C 130 4.52 -8.30 6.59
C THR C 130 3.82 -6.97 6.44
N GLN C 131 3.38 -6.73 5.21
CA GLN C 131 2.34 -5.76 4.96
C GLN C 131 1.20 -6.52 4.30
N TRP C 132 -0.03 -6.03 4.49
CA TRP C 132 -1.15 -6.76 3.95
C TRP C 132 -2.14 -5.87 3.23
N LEU C 133 -2.94 -6.50 2.37
CA LEU C 133 -3.99 -5.85 1.60
C LEU C 133 -5.25 -6.67 1.80
N LEU C 134 -6.31 -6.02 2.21
CA LEU C 134 -7.57 -6.69 2.47
C LEU C 134 -8.65 -6.10 1.58
N THR C 135 -9.06 -6.85 0.57
CA THR C 135 -10.05 -6.37 -0.39
C THR C 135 -11.37 -7.02 -0.06
N SER C 136 -12.43 -6.21 0.00
CA SER C 136 -13.78 -6.71 0.11
C SER C 136 -14.44 -6.61 -1.25
N GLY C 137 -15.26 -7.60 -1.59
CA GLY C 137 -16.05 -7.50 -2.80
C GLY C 137 -16.94 -6.27 -2.65
N THR C 138 -17.00 -5.45 -3.69
CA THR C 138 -17.84 -4.26 -3.69
C THR C 138 -18.55 -4.11 -5.02
N THR C 139 -19.58 -3.27 -5.05
CA THR C 139 -20.17 -2.83 -6.31
C THR C 139 -19.17 -1.89 -6.96
N GLU C 140 -19.34 -1.64 -8.25
CA GLU C 140 -18.41 -0.79 -8.99
C GLU C 140 -18.35 0.64 -8.44
N ALA C 141 -19.47 1.15 -7.94
CA ALA C 141 -19.52 2.50 -7.39
C ALA C 141 -18.66 2.64 -6.14
N ASN C 142 -18.46 1.52 -5.45
CA ASN C 142 -17.73 1.52 -4.21
C ASN C 142 -16.31 0.93 -4.32
N ALA C 143 -15.89 0.62 -5.55
CA ALA C 143 -14.60 -0.03 -5.77
C ALA C 143 -13.43 0.80 -5.28
N TRP C 144 -13.57 2.12 -5.31
CA TRP C 144 -12.47 2.97 -4.87
C TRP C 144 -12.16 2.75 -3.38
N LYS C 145 -13.12 2.26 -2.61
CA LYS C 145 -12.85 2.01 -1.19
C LYS C 145 -12.88 0.52 -0.84
N SER C 146 -12.48 -0.30 -1.79
CA SER C 146 -12.55 -1.74 -1.62
C SER C 146 -11.41 -2.33 -0.77
N THR C 147 -10.32 -1.60 -0.63
CA THR C 147 -9.09 -2.21 -0.15
C THR C 147 -8.44 -1.49 1.03
N LEU C 148 -8.31 -2.19 2.15
CA LEU C 148 -7.55 -1.74 3.32
C LEU C 148 -6.10 -2.17 3.21
N VAL C 149 -5.20 -1.34 3.73
CA VAL C 149 -3.78 -1.68 3.77
C VAL C 149 -3.27 -1.61 5.22
N GLY C 150 -2.39 -2.53 5.59
CA GLY C 150 -1.86 -2.52 6.94
C GLY C 150 -0.54 -3.25 7.04
N HIS C 151 -0.12 -3.46 8.28
CA HIS C 151 1.11 -4.19 8.55
C HIS C 151 0.98 -5.04 9.81
N ASP C 152 1.42 -6.30 9.73
CA ASP C 152 1.47 -7.20 10.89
C ASP C 152 2.91 -7.70 11.12
N THR C 153 3.32 -7.75 12.38
CA THR C 153 4.57 -8.42 12.72
C THR C 153 4.26 -9.68 13.49
N PHE C 154 4.73 -10.80 12.99
CA PHE C 154 4.51 -12.09 13.60
C PHE C 154 5.75 -12.57 14.36
N THR C 155 5.56 -12.99 15.60
CA THR C 155 6.68 -13.58 16.35
C THR C 155 6.22 -14.96 16.83
N LYS C 156 7.16 -15.87 17.07
CA LYS C 156 6.85 -17.32 17.16
C LYS C 156 6.99 -17.97 18.53
N VAL C 157 6.06 -18.87 18.83
CA VAL C 157 6.20 -19.79 19.97
C VAL C 157 6.51 -21.19 19.45
N LYS C 158 7.44 -21.88 20.10
CA LYS C 158 7.90 -23.21 19.70
C LYS C 158 8.62 -23.16 18.35
N GLY D 40 -16.36 -17.65 -15.35
CA GLY D 40 -15.96 -17.63 -13.95
C GLY D 40 -14.51 -17.20 -13.76
N ILE D 41 -13.91 -17.61 -12.65
CA ILE D 41 -12.53 -17.23 -12.35
C ILE D 41 -11.54 -18.11 -13.11
N THR D 42 -11.80 -19.41 -13.15
CA THR D 42 -10.94 -20.34 -13.88
C THR D 42 -10.75 -19.89 -15.33
N GLY D 43 -9.51 -19.84 -15.77
CA GLY D 43 -9.21 -19.36 -17.11
C GLY D 43 -7.80 -18.81 -17.28
N THR D 44 -7.57 -18.18 -18.41
CA THR D 44 -6.29 -17.54 -18.69
C THR D 44 -6.49 -16.04 -18.81
N TRP D 45 -5.83 -15.30 -17.92
CA TRP D 45 -5.98 -13.86 -17.83
C TRP D 45 -4.72 -13.12 -18.22
N TYR D 46 -4.85 -11.90 -18.70
CA TYR D 46 -3.71 -11.06 -19.00
C TYR D 46 -3.87 -9.71 -18.30
N ASN D 47 -2.77 -9.16 -17.79
CA ASN D 47 -2.87 -7.81 -17.24
C ASN D 47 -2.27 -6.78 -18.18
N GLN D 48 -2.28 -5.54 -17.77
CA GLN D 48 -1.91 -4.44 -18.64
C GLN D 48 -0.41 -4.48 -18.96
N LEU D 49 0.35 -5.30 -18.25
CA LEU D 49 1.78 -5.40 -18.54
C LEU D 49 2.05 -6.46 -19.60
N GLY D 50 1.05 -7.31 -19.86
CA GLY D 50 1.23 -8.45 -20.76
C GLY D 50 1.60 -9.72 -20.01
N SER D 51 1.44 -9.69 -18.70
CA SER D 51 1.72 -10.88 -17.90
C SER D 51 0.56 -11.85 -18.02
N THR D 52 0.84 -13.13 -17.82
CA THR D 52 -0.15 -14.21 -18.00
C THR D 52 -0.42 -14.95 -16.69
N PHE D 53 -1.69 -14.92 -16.31
CA PHE D 53 -2.21 -15.48 -15.06
C PHE D 53 -3.12 -16.68 -15.42
N ILE D 54 -2.62 -17.90 -15.23
CA ILE D 54 -3.43 -19.08 -15.53
C ILE D 54 -3.90 -19.72 -14.24
N VAL D 55 -5.20 -19.72 -14.02
CA VAL D 55 -5.69 -20.07 -12.70
C VAL D 55 -6.86 -21.07 -12.74
N THR D 56 -6.88 -21.94 -11.74
CA THR D 56 -8.00 -22.84 -11.54
C THR D 56 -8.61 -22.57 -10.17
N ALA D 57 -9.92 -22.33 -10.17
CA ALA D 57 -10.65 -22.11 -8.93
C ALA D 57 -11.32 -23.40 -8.47
N GLY D 58 -10.89 -23.92 -7.32
CA GLY D 58 -11.52 -25.10 -6.75
C GLY D 58 -12.89 -24.78 -6.17
N ALA D 59 -13.71 -25.81 -5.99
CA ALA D 59 -15.07 -25.58 -5.53
C ALA D 59 -15.11 -25.16 -4.07
N ASP D 60 -13.99 -25.35 -3.38
CA ASP D 60 -13.97 -25.05 -1.96
C ASP D 60 -13.16 -23.79 -1.62
N GLY D 61 -12.72 -23.06 -2.63
CA GLY D 61 -12.09 -21.77 -2.38
C GLY D 61 -10.62 -21.67 -2.71
N ALA D 62 -10.02 -22.76 -3.18
CA ALA D 62 -8.60 -22.76 -3.53
C ALA D 62 -8.37 -22.20 -4.93
N LEU D 63 -7.29 -21.44 -5.08
CA LEU D 63 -6.81 -21.02 -6.39
C LEU D 63 -5.44 -21.65 -6.62
N THR D 64 -5.24 -22.26 -7.79
CA THR D 64 -3.95 -22.83 -8.14
C THR D 64 -3.62 -22.50 -9.60
N GLY D 65 -2.34 -22.57 -9.96
CA GLY D 65 -1.95 -22.32 -11.33
C GLY D 65 -0.57 -21.72 -11.49
N THR D 66 -0.38 -20.98 -12.58
CA THR D 66 0.93 -20.43 -12.88
C THR D 66 0.83 -18.95 -13.26
N TYR D 67 1.91 -18.22 -12.99
CA TYR D 67 1.99 -16.82 -13.36
C TYR D 67 3.24 -16.58 -14.19
N GLU D 68 3.09 -15.87 -15.29
CA GLU D 68 4.24 -15.49 -16.11
C GLU D 68 4.27 -13.98 -16.24
N SER D 69 5.31 -13.35 -15.67
CA SER D 69 5.46 -11.91 -15.71
C SER D 69 6.21 -11.43 -16.96
N ALA D 70 5.67 -10.38 -17.58
CA ALA D 70 6.30 -9.81 -18.76
C ALA D 70 7.38 -8.80 -18.40
N VAL D 71 7.48 -8.45 -17.12
CA VAL D 71 8.47 -7.46 -16.68
C VAL D 71 9.22 -7.96 -15.47
N GLY D 72 10.38 -7.35 -15.21
CA GLY D 72 11.14 -7.63 -14.00
C GLY D 72 12.06 -8.84 -14.08
N ASN D 73 12.55 -9.24 -12.92
CA ASN D 73 13.49 -10.34 -12.84
C ASN D 73 12.73 -11.65 -12.80
N ALA D 74 12.25 -12.06 -13.96
CA ALA D 74 11.28 -13.13 -14.07
C ALA D 74 11.34 -13.71 -15.46
N GLU D 75 11.19 -15.03 -15.52
CA GLU D 75 11.29 -15.76 -16.77
C GLU D 75 10.49 -17.03 -16.65
N SER D 76 9.65 -17.29 -17.65
CA SER D 76 8.87 -18.53 -17.73
C SER D 76 7.82 -18.54 -16.63
N ARG D 77 7.32 -19.72 -16.27
CA ARG D 77 6.18 -19.78 -15.34
C ARG D 77 6.61 -19.99 -13.89
N TYR D 78 5.82 -19.42 -12.99
CA TYR D 78 6.01 -19.54 -11.55
C TYR D 78 4.75 -20.11 -10.91
N VAL D 79 4.92 -20.93 -9.89
CA VAL D 79 3.77 -21.51 -9.19
C VAL D 79 3.03 -20.42 -8.40
N LEU D 80 1.70 -20.42 -8.46
CA LEU D 80 0.91 -19.59 -7.56
C LEU D 80 -0.05 -20.45 -6.76
N THR D 81 -0.47 -19.94 -5.60
CA THR D 81 -1.60 -20.48 -4.88
C THR D 81 -2.33 -19.30 -4.26
N GLY D 82 -3.62 -19.49 -3.99
CA GLY D 82 -4.41 -18.42 -3.42
C GLY D 82 -5.76 -18.91 -2.94
N ARG D 83 -6.60 -17.97 -2.52
CA ARG D 83 -7.94 -18.28 -2.07
C ARG D 83 -8.92 -17.30 -2.69
N TYR D 84 -10.19 -17.69 -2.72
CA TYR D 84 -11.26 -16.82 -3.18
C TYR D 84 -12.53 -17.18 -2.42
N ASP D 85 -13.45 -16.22 -2.36
CA ASP D 85 -14.75 -16.39 -1.70
C ASP D 85 -15.63 -17.26 -2.58
N SER D 86 -15.80 -18.53 -2.19
CA SER D 86 -16.58 -19.47 -3.01
C SER D 86 -18.09 -19.35 -2.78
N ALA D 87 -18.51 -18.48 -1.85
CA ALA D 87 -19.94 -18.15 -1.73
C ALA D 87 -20.16 -16.65 -1.61
N PRO D 88 -19.99 -15.92 -2.73
CA PRO D 88 -20.04 -14.45 -2.75
C PRO D 88 -21.45 -13.89 -2.58
N ALA D 89 -21.53 -12.60 -2.23
CA ALA D 89 -22.81 -11.92 -2.01
C ALA D 89 -23.61 -11.85 -3.31
N THR D 90 -24.92 -11.66 -3.18
CA THR D 90 -25.78 -11.55 -4.37
C THR D 90 -26.29 -10.13 -4.56
N ASP D 91 -25.62 -9.16 -3.94
CA ASP D 91 -26.01 -7.76 -4.07
C ASP D 91 -25.35 -7.10 -5.27
N GLY D 92 -24.62 -7.89 -6.04
CA GLY D 92 -23.89 -7.36 -7.18
C GLY D 92 -22.44 -7.00 -6.88
N SER D 93 -22.00 -7.26 -5.66
CA SER D 93 -20.60 -7.06 -5.28
C SER D 93 -19.68 -8.00 -6.03
N GLY D 94 -18.41 -7.62 -6.17
CA GLY D 94 -17.44 -8.50 -6.77
C GLY D 94 -17.10 -9.66 -5.85
N THR D 95 -16.31 -10.60 -6.38
CA THR D 95 -15.83 -11.76 -5.66
C THR D 95 -14.40 -11.57 -5.18
N ALA D 96 -14.22 -11.44 -3.87
CA ALA D 96 -12.89 -11.22 -3.29
C ALA D 96 -11.97 -12.42 -3.48
N LEU D 97 -10.70 -12.12 -3.72
CA LEU D 97 -9.72 -13.17 -3.92
C LEU D 97 -8.30 -12.63 -3.73
N GLY D 98 -7.34 -13.55 -3.66
CA GLY D 98 -5.95 -13.18 -3.54
C GLY D 98 -5.07 -14.35 -3.96
N TRP D 99 -3.84 -14.06 -4.36
CA TRP D 99 -2.90 -15.14 -4.58
C TRP D 99 -1.47 -14.63 -4.43
N THR D 100 -0.55 -15.59 -4.31
CA THR D 100 0.86 -15.32 -4.05
C THR D 100 1.72 -15.98 -5.11
N VAL D 101 2.74 -15.28 -5.59
CA VAL D 101 3.80 -15.90 -6.37
C VAL D 101 5.13 -15.64 -5.65
N ALA D 102 5.87 -16.69 -5.33
CA ALA D 102 7.28 -16.53 -4.91
C ALA D 102 8.13 -16.64 -6.16
N TRP D 103 9.02 -15.69 -6.38
CA TRP D 103 9.66 -15.56 -7.68
C TRP D 103 10.88 -16.46 -7.82
N LYS D 104 10.69 -17.74 -7.53
CA LYS D 104 11.72 -18.77 -7.73
C LYS D 104 11.17 -19.88 -8.65
N ASN D 105 11.91 -20.19 -9.71
CA ASN D 105 11.65 -21.37 -10.52
C ASN D 105 12.99 -21.91 -11.03
N ASN D 106 12.99 -22.72 -12.09
CA ASN D 106 14.24 -23.31 -12.55
C ASN D 106 15.10 -22.34 -13.35
N TYR D 107 14.53 -21.21 -13.73
CA TYR D 107 15.27 -20.26 -14.54
C TYR D 107 15.97 -19.19 -13.71
N ARG D 108 15.27 -18.70 -12.69
CA ARG D 108 15.72 -17.54 -11.92
C ARG D 108 15.14 -17.55 -10.51
N ASN D 109 15.79 -16.81 -9.63
CA ASN D 109 15.27 -16.57 -8.30
C ASN D 109 15.54 -15.12 -7.92
N ALA D 110 14.48 -14.32 -7.81
CA ALA D 110 14.62 -12.91 -7.47
C ALA D 110 14.51 -12.66 -5.97
N HIS D 111 14.42 -13.75 -5.20
CA HIS D 111 14.32 -13.65 -3.74
C HIS D 111 13.24 -12.65 -3.35
N SER D 112 12.05 -12.85 -3.90
N SER D 112 12.05 -12.84 -3.93
CA SER D 112 10.94 -11.94 -3.70
CA SER D 112 10.94 -11.92 -3.77
C SER D 112 9.62 -12.67 -3.84
C SER D 112 9.62 -12.67 -3.85
N ALA D 113 8.56 -12.07 -3.33
CA ALA D 113 7.22 -12.65 -3.45
C ALA D 113 6.22 -11.53 -3.68
N THR D 114 5.28 -11.74 -4.59
CA THR D 114 4.22 -10.78 -4.84
C THR D 114 2.90 -11.37 -4.37
N THR D 115 2.09 -10.58 -3.67
CA THR D 115 0.72 -11.00 -3.44
C THR D 115 -0.22 -10.04 -4.11
N TRP D 116 -1.20 -10.57 -4.82
CA TRP D 116 -2.28 -9.76 -5.39
C TRP D 116 -3.54 -9.90 -4.55
N SER D 117 -4.16 -8.79 -4.22
CA SER D 117 -5.41 -8.79 -3.49
C SER D 117 -6.43 -8.03 -4.34
N GLY D 118 -7.60 -8.62 -4.57
CA GLY D 118 -8.57 -7.91 -5.39
C GLY D 118 -9.94 -8.53 -5.47
N GLN D 119 -10.67 -8.23 -6.53
CA GLN D 119 -11.97 -8.87 -6.72
C GLN D 119 -12.21 -9.22 -8.18
N TYR D 120 -12.89 -10.35 -8.38
CA TYR D 120 -13.37 -10.74 -9.70
C TYR D 120 -14.70 -10.07 -9.95
N VAL D 121 -14.85 -9.47 -11.13
CA VAL D 121 -16.10 -8.81 -11.49
C VAL D 121 -16.66 -9.45 -12.76
N GLY D 122 -17.75 -10.21 -12.60
CA GLY D 122 -18.33 -10.93 -13.72
C GLY D 122 -19.08 -10.07 -14.70
N GLY D 123 -19.48 -10.65 -15.82
CA GLY D 123 -20.25 -9.94 -16.82
C GLY D 123 -19.83 -10.30 -18.23
N ALA D 124 -20.22 -9.46 -19.19
CA ALA D 124 -19.82 -9.67 -20.58
C ALA D 124 -18.31 -9.61 -20.69
N GLU D 125 -17.71 -8.58 -20.10
CA GLU D 125 -16.26 -8.45 -20.06
C GLU D 125 -15.78 -8.67 -18.64
N ALA D 126 -15.40 -9.91 -18.36
CA ALA D 126 -14.91 -10.27 -17.04
C ALA D 126 -13.59 -9.55 -16.76
N ARG D 127 -13.41 -9.19 -15.50
CA ARG D 127 -12.24 -8.44 -15.08
C ARG D 127 -11.86 -8.86 -13.67
N ILE D 128 -10.56 -8.92 -13.39
CA ILE D 128 -10.10 -9.06 -12.02
C ILE D 128 -9.28 -7.81 -11.68
N ASN D 129 -9.78 -6.99 -10.76
CA ASN D 129 -9.09 -5.78 -10.35
C ASN D 129 -8.27 -6.06 -9.11
N THR D 130 -6.99 -5.72 -9.14
CA THR D 130 -6.10 -6.02 -8.03
C THR D 130 -5.19 -4.88 -7.63
N GLN D 131 -4.76 -4.92 -6.38
CA GLN D 131 -3.58 -4.20 -5.95
C GLN D 131 -2.58 -5.23 -5.42
N TRP D 132 -1.29 -4.92 -5.47
CA TRP D 132 -0.33 -5.95 -5.07
C TRP D 132 0.77 -5.38 -4.22
N LEU D 133 1.40 -6.28 -3.48
CA LEU D 133 2.55 -5.99 -2.63
C LEU D 133 3.65 -6.94 -3.03
N LEU D 134 4.79 -6.38 -3.39
CA LEU D 134 5.94 -7.15 -3.82
C LEU D 134 7.06 -6.95 -2.81
N THR D 135 7.36 -7.99 -2.03
CA THR D 135 8.37 -7.89 -1.00
C THR D 135 9.60 -8.68 -1.39
N SER D 136 10.76 -8.03 -1.30
CA SER D 136 12.06 -8.67 -1.51
C SER D 136 12.72 -9.00 -0.17
N GLY D 137 13.44 -10.11 -0.11
CA GLY D 137 14.21 -10.40 1.07
C GLY D 137 15.29 -9.37 1.16
N THR D 138 15.43 -8.74 2.32
CA THR D 138 16.48 -7.75 2.55
C THR D 138 17.23 -8.06 3.83
N THR D 139 18.42 -7.47 3.95
CA THR D 139 19.07 -7.33 5.23
C THR D 139 18.25 -6.38 6.08
N GLU D 140 18.46 -6.39 7.40
CA GLU D 140 17.72 -5.49 8.27
C GLU D 140 17.95 -4.02 7.92
N ALA D 141 19.15 -3.68 7.45
CA ALA D 141 19.47 -2.30 7.06
C ALA D 141 18.60 -1.80 5.90
N ASN D 142 18.10 -2.71 5.09
CA ASN D 142 17.34 -2.32 3.92
C ASN D 142 15.84 -2.64 3.99
N ALA D 143 15.37 -3.10 5.15
CA ALA D 143 14.00 -3.59 5.27
C ALA D 143 12.98 -2.48 5.01
N TRP D 144 13.35 -1.26 5.33
CA TRP D 144 12.47 -0.12 5.09
C TRP D 144 12.13 0.03 3.60
N LYS D 145 12.99 -0.46 2.71
CA LYS D 145 12.66 -0.39 1.29
C LYS D 145 12.42 -1.78 0.67
N SER D 146 11.86 -2.70 1.46
CA SER D 146 11.66 -4.09 1.01
C SER D 146 10.46 -4.28 0.08
N THR D 147 9.50 -3.36 0.10
CA THR D 147 8.19 -3.65 -0.47
C THR D 147 7.68 -2.62 -1.48
N LEU D 148 7.43 -3.09 -2.70
CA LEU D 148 6.77 -2.26 -3.72
C LEU D 148 5.27 -2.47 -3.67
N VAL D 149 4.53 -1.43 -4.06
CA VAL D 149 3.08 -1.56 -4.17
C VAL D 149 2.65 -1.13 -5.55
N GLY D 150 1.62 -1.80 -6.08
CA GLY D 150 1.10 -1.44 -7.37
C GLY D 150 -0.30 -1.96 -7.57
N HIS D 151 -0.76 -1.89 -8.81
CA HIS D 151 -2.09 -2.33 -9.17
C HIS D 151 -2.08 -2.93 -10.56
N ASP D 152 -2.73 -4.08 -10.70
CA ASP D 152 -2.87 -4.74 -12.00
C ASP D 152 -4.34 -4.96 -12.29
N THR D 153 -4.73 -4.77 -13.55
CA THR D 153 -6.09 -5.15 -13.92
C THR D 153 -6.03 -6.30 -14.92
N PHE D 154 -6.75 -7.39 -14.65
CA PHE D 154 -6.67 -8.56 -15.51
C PHE D 154 -7.93 -8.71 -16.33
N THR D 155 -7.75 -9.08 -17.59
CA THR D 155 -8.85 -9.27 -18.53
C THR D 155 -8.60 -10.52 -19.36
N LYS D 156 -9.61 -10.95 -20.07
CA LYS D 156 -9.40 -11.96 -21.08
C LYS D 156 -9.18 -11.24 -22.42
N VAL D 157 -8.19 -10.36 -22.46
CA VAL D 157 -7.75 -9.79 -23.73
C VAL D 157 -6.23 -9.74 -23.83
N LYS D 158 -5.73 -10.37 -24.89
CA LYS D 158 -4.32 -10.61 -25.08
C LYS D 158 -3.61 -9.38 -25.63
N PRO D 159 -2.41 -9.11 -25.10
CA PRO D 159 -1.50 -8.05 -25.58
C PRO D 159 -1.20 -8.16 -27.07
#